data_7WMO
#
_entry.id   7WMO
#
_cell.length_a   106.558
_cell.length_b   106.558
_cell.length_c   56.681
_cell.angle_alpha   90.000
_cell.angle_beta   90.000
_cell.angle_gamma   90.000
#
_symmetry.space_group_name_H-M   'P 43 21 2'
#
loop_
_entity.id
_entity.type
_entity.pdbx_description
1 polymer 'Isoform Beta-2 of Thyroid hormone receptor beta'
2 polymer 'Nuclear receptor coactivator 2'
3 non-polymer '2-[[1-ethoxy-7-[4-(3-fluoranyl-5-methoxy-phenyl)carbonyl-2,6-dimethyl-phenoxy]-4-oxidanyl-isoquinolin-3-yl]carbonylamino]ethanoic acid'
4 water water
#
loop_
_entity_poly.entity_id
_entity_poly.type
_entity_poly.pdbx_seq_one_letter_code
_entity_poly.pdbx_strand_id
1 'polypeptide(L)'
;EELQKSIGHKPEPTDEEWELIKTVTEAHVATNAQGSHWKQKRKFLPEDIGQAPIVNAPEGGKVDLEAFSHFTKIITPAIT
RVVDFAKKLPMFCELPCEDQIILLKGCCMEIMSLRAAVRYDPESETLTLNGEMAVTRGQLKNGGLGVVSDAIFDLGMSLS
SFNLDDTEVALLQAVLLMSSDRPGLACVERIEKYQDSFLLAFEHYINYRKHHVTHFWPKLLMKVTDLRMIGACHASRFLH
MKVECPTELFPPLFLEVFED
;
A
2 'polypeptide(L)' ENALLRYLLDK B
#
# COMPACT_ATOMS: atom_id res chain seq x y z
N HIS A 9 -1.72 -4.36 -30.64
CA HIS A 9 -0.28 -4.43 -31.04
C HIS A 9 0.61 -4.64 -29.79
N LYS A 10 0.58 -3.69 -28.84
CA LYS A 10 1.38 -3.67 -27.58
C LYS A 10 1.14 -4.98 -26.83
N PRO A 11 2.19 -5.62 -26.25
CA PRO A 11 2.09 -6.98 -25.74
C PRO A 11 1.07 -7.15 -24.59
N GLU A 12 0.18 -8.12 -24.73
CA GLU A 12 -0.87 -8.46 -23.73
C GLU A 12 -0.33 -9.59 -22.86
N PRO A 13 -0.90 -9.85 -21.66
CA PRO A 13 -0.28 -10.78 -20.71
C PRO A 13 -0.10 -12.20 -21.26
N THR A 14 0.96 -12.88 -20.84
CA THR A 14 1.24 -14.31 -21.15
C THR A 14 0.38 -15.16 -20.21
N ASP A 15 0.35 -16.49 -20.37
CA ASP A 15 -0.39 -17.40 -19.46
C ASP A 15 0.22 -17.33 -18.04
N GLU A 16 1.55 -17.29 -17.95
CA GLU A 16 2.30 -17.32 -16.67
C GLU A 16 2.02 -15.99 -15.94
N GLU A 17 1.89 -14.91 -16.72
CA GLU A 17 1.57 -13.55 -16.22
C GLU A 17 0.11 -13.49 -15.74
N TRP A 18 -0.82 -14.15 -16.45
CA TRP A 18 -2.24 -14.26 -16.05
C TRP A 18 -2.36 -14.99 -14.71
N GLU A 19 -1.53 -16.03 -14.48
CA GLU A 19 -1.49 -16.78 -13.19
C GLU A 19 -0.97 -15.86 -12.09
N LEU A 20 0.11 -15.14 -12.36
CA LEU A 20 0.68 -14.17 -11.38
C LEU A 20 -0.35 -13.08 -11.08
N ILE A 21 -1.11 -12.65 -12.08
CA ILE A 21 -2.18 -11.62 -11.94
C ILE A 21 -3.32 -12.15 -11.05
N LYS A 22 -3.69 -13.42 -11.21
CA LYS A 22 -4.73 -14.09 -10.39
C LYS A 22 -4.29 -14.13 -8.94
N THR A 23 -3.05 -14.58 -8.67
CA THR A 23 -2.49 -14.75 -7.31
C THR A 23 -2.50 -13.41 -6.59
N VAL A 24 -1.91 -12.40 -7.22
CA VAL A 24 -1.71 -11.07 -6.57
C VAL A 24 -3.08 -10.38 -6.41
N THR A 25 -3.97 -10.50 -7.39
CA THR A 25 -5.30 -9.87 -7.35
C THR A 25 -6.10 -10.43 -6.19
N GLU A 26 -6.20 -11.74 -6.12
CA GLU A 26 -6.91 -12.45 -5.03
C GLU A 26 -6.27 -12.13 -3.67
N ALA A 27 -4.95 -12.08 -3.59
CA ALA A 27 -4.26 -11.77 -2.32
C ALA A 27 -4.71 -10.38 -1.84
N HIS A 28 -4.78 -9.40 -2.77
CA HIS A 28 -5.23 -8.02 -2.47
C HIS A 28 -6.70 -8.05 -2.04
N VAL A 29 -7.57 -8.67 -2.83
CA VAL A 29 -9.03 -8.65 -2.56
C VAL A 29 -9.31 -9.28 -1.18
N ALA A 30 -8.58 -10.32 -0.79
CA ALA A 30 -8.77 -11.07 0.47
C ALA A 30 -8.28 -10.26 1.67
N THR A 31 -7.43 -9.25 1.48
CA THR A 31 -6.81 -8.45 2.57
C THR A 31 -7.20 -6.96 2.47
N ASN A 32 -8.17 -6.61 1.64
CA ASN A 32 -8.65 -5.23 1.44
C ASN A 32 -9.92 -5.05 2.29
N ALA A 33 -9.90 -4.14 3.28
CA ALA A 33 -10.98 -3.99 4.29
C ALA A 33 -12.32 -3.73 3.59
N GLN A 34 -13.35 -4.54 3.91
CA GLN A 34 -14.78 -4.37 3.47
C GLN A 34 -14.84 -4.16 1.96
N GLY A 35 -14.03 -4.91 1.19
CA GLY A 35 -13.85 -4.74 -0.27
C GLY A 35 -15.14 -4.33 -0.97
N SER A 36 -16.21 -5.11 -0.78
CA SER A 36 -17.56 -4.84 -1.35
C SER A 36 -18.25 -3.71 -0.57
N HIS A 37 -18.21 -3.78 0.77
CA HIS A 37 -19.10 -3.03 1.68
C HIS A 37 -18.42 -1.78 2.28
N TRP A 38 -17.29 -1.30 1.74
CA TRP A 38 -16.57 -0.14 2.36
C TRP A 38 -17.41 1.13 2.26
N LYS A 39 -18.03 1.43 1.11
CA LYS A 39 -18.74 2.71 0.82
C LYS A 39 -20.09 2.78 1.57
N GLN A 40 -20.69 1.62 1.86
CA GLN A 40 -22.03 1.50 2.52
C GLN A 40 -21.90 1.28 4.03
N LYS A 41 -20.69 1.01 4.53
CA LYS A 41 -20.37 0.85 5.99
C LYS A 41 -19.51 2.02 6.47
N ARG A 42 -19.46 3.12 5.68
CA ARG A 42 -18.65 4.33 5.96
C ARG A 42 -19.28 5.11 7.12
N LYS A 43 -18.47 5.40 8.15
CA LYS A 43 -18.79 6.32 9.29
C LYS A 43 -17.85 7.52 9.19
N PHE A 44 -18.40 8.70 8.85
CA PHE A 44 -17.68 9.98 8.69
C PHE A 44 -17.23 10.48 10.08
N LEU A 45 -15.92 10.56 10.33
CA LEU A 45 -15.33 10.99 11.63
C LEU A 45 -15.90 12.36 12.00
N PRO A 46 -16.27 12.58 13.28
CA PRO A 46 -16.82 13.88 13.71
C PRO A 46 -15.96 15.09 13.31
N GLU A 47 -16.55 16.30 13.38
CA GLU A 47 -15.98 17.60 12.94
C GLU A 47 -15.88 17.63 11.42
N ALA A 67 -6.86 13.63 16.77
CA ALA A 67 -7.45 12.30 16.45
C ALA A 67 -6.43 11.17 16.63
N PHE A 68 -5.27 11.43 17.25
CA PHE A 68 -4.20 10.43 17.53
C PHE A 68 -4.88 9.13 17.99
N SER A 69 -5.83 9.29 18.90
CA SER A 69 -6.70 8.25 19.50
C SER A 69 -7.32 7.35 18.42
N HIS A 70 -8.22 7.89 17.59
CA HIS A 70 -9.00 7.12 16.57
C HIS A 70 -8.09 6.56 15.47
N PHE A 71 -6.98 7.24 15.14
CA PHE A 71 -5.98 6.79 14.13
C PHE A 71 -4.98 5.81 14.78
N THR A 72 -4.80 5.91 16.10
CA THR A 72 -4.02 4.94 16.93
C THR A 72 -4.71 3.57 16.83
N LYS A 73 -6.03 3.54 16.94
CA LYS A 73 -6.81 2.29 17.05
C LYS A 73 -6.73 1.51 15.74
N ILE A 74 -6.73 2.20 14.60
CA ILE A 74 -6.96 1.58 13.26
C ILE A 74 -5.64 1.27 12.54
N ILE A 75 -4.53 1.85 13.00
CA ILE A 75 -3.20 1.63 12.33
C ILE A 75 -2.85 0.13 12.39
N THR A 76 -2.98 -0.53 13.55
CA THR A 76 -2.51 -1.93 13.79
C THR A 76 -3.21 -2.91 12.83
N PRO A 77 -4.55 -2.87 12.71
CA PRO A 77 -5.24 -3.72 11.72
C PRO A 77 -4.83 -3.42 10.28
N ALA A 78 -4.42 -2.18 9.97
CA ALA A 78 -4.03 -1.78 8.59
C ALA A 78 -2.66 -2.37 8.27
N ILE A 79 -1.73 -2.37 9.22
CA ILE A 79 -0.39 -3.00 9.04
C ILE A 79 -0.60 -4.51 8.82
N THR A 80 -1.46 -5.11 9.63
CA THR A 80 -1.68 -6.57 9.70
C THR A 80 -2.20 -7.05 8.34
N ARG A 81 -3.13 -6.30 7.75
CA ARG A 81 -3.68 -6.59 6.40
C ARG A 81 -2.54 -6.58 5.37
N VAL A 82 -1.59 -5.66 5.50
CA VAL A 82 -0.47 -5.61 4.52
C VAL A 82 0.38 -6.87 4.70
N VAL A 83 0.58 -7.28 5.96
CA VAL A 83 1.36 -8.49 6.31
C VAL A 83 0.67 -9.67 5.65
N ASP A 84 -0.66 -9.71 5.76
CA ASP A 84 -1.46 -10.84 5.20
C ASP A 84 -1.35 -10.85 3.67
N PHE A 85 -1.35 -9.67 3.04
CA PHE A 85 -1.22 -9.56 1.57
C PHE A 85 0.12 -10.21 1.13
N ALA A 86 1.24 -9.79 1.72
CA ALA A 86 2.58 -10.30 1.37
C ALA A 86 2.65 -11.82 1.61
N LYS A 87 2.09 -12.28 2.73
CA LYS A 87 2.10 -13.71 3.16
C LYS A 87 1.32 -14.59 2.17
N LYS A 88 0.47 -14.00 1.33
CA LYS A 88 -0.29 -14.74 0.30
C LYS A 88 0.42 -14.68 -1.06
N LEU A 89 1.57 -13.99 -1.16
CA LEU A 89 2.39 -14.02 -2.40
C LEU A 89 3.47 -15.09 -2.24
N PRO A 90 3.38 -16.22 -2.97
CA PRO A 90 4.37 -17.29 -2.84
C PRO A 90 5.82 -16.81 -2.92
N MET A 91 6.12 -15.84 -3.80
CA MET A 91 7.49 -15.30 -4.00
C MET A 91 7.98 -14.66 -2.71
N PHE A 92 7.11 -13.91 -2.03
CA PHE A 92 7.43 -13.28 -0.73
C PHE A 92 7.85 -14.35 0.29
N CYS A 93 7.16 -15.51 0.30
CA CYS A 93 7.32 -16.57 1.33
C CYS A 93 8.64 -17.33 1.13
N GLU A 94 9.19 -17.32 -0.08
CA GLU A 94 10.49 -17.96 -0.40
C GLU A 94 11.67 -17.12 0.16
N LEU A 95 11.42 -15.89 0.63
CA LEU A 95 12.51 -15.03 1.15
C LEU A 95 12.81 -15.39 2.61
N PRO A 96 14.06 -15.16 3.09
CA PRO A 96 14.35 -15.29 4.51
C PRO A 96 13.57 -14.25 5.33
N CYS A 97 13.17 -14.66 6.53
CA CYS A 97 12.42 -13.87 7.53
C CYS A 97 12.96 -12.45 7.64
N GLU A 98 14.28 -12.26 7.71
CA GLU A 98 14.89 -10.92 7.97
C GLU A 98 14.68 -10.03 6.75
N ASP A 99 14.58 -10.61 5.56
CA ASP A 99 14.28 -9.87 4.31
C ASP A 99 12.77 -9.56 4.30
N GLN A 100 11.92 -10.50 4.71
CA GLN A 100 10.46 -10.28 4.79
C GLN A 100 10.19 -9.08 5.71
N ILE A 101 10.79 -9.09 6.90
CA ILE A 101 10.69 -8.00 7.91
C ILE A 101 11.08 -6.67 7.26
N ILE A 102 12.23 -6.60 6.58
CA ILE A 102 12.74 -5.33 5.97
C ILE A 102 11.78 -4.88 4.86
N LEU A 103 11.33 -5.79 3.99
CA LEU A 103 10.41 -5.49 2.86
C LEU A 103 9.09 -4.94 3.41
N LEU A 104 8.54 -5.54 4.46
CA LEU A 104 7.28 -5.05 5.09
C LEU A 104 7.50 -3.68 5.75
N LYS A 105 8.57 -3.52 6.52
CA LYS A 105 8.93 -2.19 7.06
C LYS A 105 8.88 -1.15 5.93
N GLY A 106 9.42 -1.48 4.76
CA GLY A 106 9.59 -0.54 3.65
C GLY A 106 8.30 -0.13 2.93
N CYS A 107 7.31 -1.01 2.79
CA CYS A 107 6.16 -0.78 1.86
C CYS A 107 4.86 -0.58 2.60
N CYS A 108 4.86 -0.80 3.91
CA CYS A 108 3.63 -0.83 4.74
C CYS A 108 2.85 0.49 4.61
N MET A 109 3.46 1.63 4.95
CA MET A 109 2.79 2.95 4.81
C MET A 109 2.51 3.27 3.34
N GLU A 110 3.39 2.83 2.44
CA GLU A 110 3.17 3.04 0.98
C GLU A 110 1.89 2.34 0.56
N ILE A 111 1.72 1.09 0.97
CA ILE A 111 0.56 0.25 0.57
C ILE A 111 -0.72 0.79 1.23
N MET A 112 -0.68 1.10 2.51
CA MET A 112 -1.86 1.67 3.25
C MET A 112 -2.26 3.02 2.61
N SER A 113 -1.27 3.83 2.26
CA SER A 113 -1.52 5.13 1.62
C SER A 113 -2.24 4.89 0.30
N LEU A 114 -1.74 3.96 -0.51
CA LEU A 114 -2.36 3.66 -1.82
C LEU A 114 -3.83 3.23 -1.61
N ARG A 115 -4.05 2.39 -0.61
CA ARG A 115 -5.37 1.76 -0.34
C ARG A 115 -6.35 2.84 0.10
N ALA A 116 -5.89 3.85 0.82
CA ALA A 116 -6.71 5.02 1.22
C ALA A 116 -6.98 5.89 -0.01
N ALA A 117 -5.98 6.06 -0.86
CA ALA A 117 -6.01 7.00 -2.00
C ALA A 117 -7.00 6.51 -3.05
N VAL A 118 -7.07 5.21 -3.30
CA VAL A 118 -8.01 4.65 -4.32
C VAL A 118 -9.44 4.71 -3.76
N ARG A 119 -9.60 4.98 -2.46
CA ARG A 119 -10.94 5.14 -1.84
C ARG A 119 -11.19 6.61 -1.59
N TYR A 120 -10.71 7.47 -2.51
CA TYR A 120 -11.01 8.92 -2.49
C TYR A 120 -12.39 9.13 -3.13
N ASP A 121 -13.32 9.72 -2.38
CA ASP A 121 -14.66 10.16 -2.90
C ASP A 121 -14.59 11.65 -3.25
N PRO A 122 -14.60 12.03 -4.55
CA PRO A 122 -14.43 13.44 -4.91
C PRO A 122 -15.60 14.32 -4.43
N GLU A 123 -16.79 13.77 -4.20
CA GLU A 123 -18.02 14.55 -3.81
C GLU A 123 -18.00 14.92 -2.32
N SER A 124 -17.55 14.03 -1.43
CA SER A 124 -17.34 14.30 0.02
C SER A 124 -15.90 14.75 0.29
N GLU A 125 -15.01 14.64 -0.72
CA GLU A 125 -13.56 14.93 -0.64
C GLU A 125 -12.98 14.24 0.60
N THR A 126 -13.29 12.94 0.74
CA THR A 126 -12.82 12.07 1.85
C THR A 126 -12.02 10.90 1.29
N LEU A 127 -11.14 10.39 2.13
CA LEU A 127 -10.49 9.07 2.01
C LEU A 127 -11.21 8.15 2.98
N THR A 128 -11.19 6.84 2.73
CA THR A 128 -11.72 5.83 3.67
C THR A 128 -10.58 4.98 4.22
N LEU A 129 -10.45 4.92 5.54
CA LEU A 129 -9.44 4.11 6.25
C LEU A 129 -10.13 2.90 6.88
N ASN A 130 -9.57 1.69 6.69
CA ASN A 130 -10.06 0.44 7.33
C ASN A 130 -11.44 0.05 6.81
N GLY A 131 -11.82 0.51 5.62
CA GLY A 131 -13.14 0.26 5.04
C GLY A 131 -14.27 1.02 5.72
N GLU A 132 -14.06 1.61 6.90
CA GLU A 132 -15.15 2.19 7.74
C GLU A 132 -15.03 3.73 7.85
N MET A 133 -13.85 4.27 8.17
CA MET A 133 -13.65 5.68 8.61
C MET A 133 -13.34 6.60 7.43
N ALA A 134 -14.33 7.36 6.94
CA ALA A 134 -14.10 8.43 5.95
C ALA A 134 -13.51 9.64 6.67
N VAL A 135 -12.35 10.15 6.21
CA VAL A 135 -11.66 11.32 6.83
C VAL A 135 -11.45 12.37 5.76
N THR A 136 -11.33 13.63 6.21
CA THR A 136 -11.09 14.81 5.36
C THR A 136 -9.59 15.11 5.37
N ARG A 137 -9.16 15.89 4.39
CA ARG A 137 -7.78 16.44 4.32
C ARG A 137 -7.39 17.05 5.68
N GLY A 138 -8.24 17.94 6.23
CA GLY A 138 -8.01 18.59 7.53
C GLY A 138 -7.89 17.59 8.68
N GLN A 139 -8.75 16.58 8.72
CA GLN A 139 -8.77 15.61 9.85
C GLN A 139 -7.47 14.79 9.83
N LEU A 140 -7.09 14.26 8.67
CA LEU A 140 -5.85 13.44 8.56
C LEU A 140 -4.63 14.32 8.84
N LYS A 141 -4.66 15.59 8.44
CA LYS A 141 -3.51 16.53 8.62
C LYS A 141 -3.36 16.80 10.12
N ASN A 142 -4.42 17.28 10.76
CA ASN A 142 -4.38 17.69 12.19
C ASN A 142 -4.42 16.44 13.07
N GLY A 143 -4.86 15.30 12.52
CA GLY A 143 -4.80 13.99 13.18
C GLY A 143 -3.38 13.54 13.48
N GLY A 144 -2.35 14.08 12.80
CA GLY A 144 -0.94 13.75 13.09
C GLY A 144 -0.08 13.53 11.84
N LEU A 145 -0.66 13.26 10.66
CA LEU A 145 0.11 12.97 9.42
C LEU A 145 0.81 14.22 8.87
N GLY A 146 0.25 15.42 9.11
CA GLY A 146 0.83 16.69 8.64
C GLY A 146 0.78 16.79 7.12
N VAL A 147 1.84 17.32 6.51
CA VAL A 147 1.89 17.57 5.04
C VAL A 147 1.73 16.26 4.23
N VAL A 148 2.14 15.09 4.76
CA VAL A 148 1.91 13.77 4.10
C VAL A 148 0.42 13.59 3.80
N SER A 149 -0.47 14.18 4.62
CA SER A 149 -1.93 14.10 4.38
C SER A 149 -2.24 14.71 3.01
N ASP A 150 -1.69 15.89 2.73
CA ASP A 150 -1.87 16.61 1.44
C ASP A 150 -1.38 15.72 0.28
N ALA A 151 -0.25 15.02 0.44
CA ALA A 151 0.34 14.14 -0.61
C ALA A 151 -0.62 12.99 -0.91
N ILE A 152 -1.18 12.34 0.12
CA ILE A 152 -2.10 11.18 -0.05
C ILE A 152 -3.42 11.64 -0.69
N PHE A 153 -3.97 12.79 -0.30
CA PHE A 153 -5.22 13.35 -0.88
C PHE A 153 -5.01 13.74 -2.36
N ASP A 154 -3.88 14.41 -2.65
CA ASP A 154 -3.51 14.84 -4.02
C ASP A 154 -3.31 13.60 -4.90
N LEU A 155 -2.75 12.52 -4.37
CA LEU A 155 -2.61 11.23 -5.10
C LEU A 155 -4.00 10.65 -5.36
N GLY A 156 -4.88 10.63 -4.36
CA GLY A 156 -6.28 10.18 -4.52
C GLY A 156 -6.96 10.92 -5.65
N MET A 157 -6.87 12.23 -5.67
CA MET A 157 -7.48 13.08 -6.73
C MET A 157 -6.92 12.69 -8.11
N SER A 158 -5.60 12.56 -8.23
CA SER A 158 -4.93 12.16 -9.49
C SER A 158 -5.39 10.78 -9.91
N LEU A 159 -5.64 9.86 -8.97
CA LEU A 159 -5.91 8.44 -9.31
C LEU A 159 -7.36 8.24 -9.77
N SER A 160 -8.24 9.24 -9.64
CA SER A 160 -9.64 9.16 -10.14
C SER A 160 -9.62 8.82 -11.62
N SER A 161 -9.03 9.69 -12.42
CA SER A 161 -9.07 9.61 -13.91
C SER A 161 -8.29 8.38 -14.40
N PHE A 162 -7.49 7.73 -13.55
CA PHE A 162 -6.72 6.49 -13.87
C PHE A 162 -7.63 5.26 -13.82
N ASN A 163 -8.71 5.29 -13.02
CA ASN A 163 -9.74 4.21 -13.00
C ASN A 163 -9.07 2.86 -12.75
N LEU A 164 -8.21 2.78 -11.73
CA LEU A 164 -7.50 1.53 -11.38
C LEU A 164 -8.48 0.50 -10.84
N ASP A 165 -8.36 -0.74 -11.28
CA ASP A 165 -9.15 -1.89 -10.78
C ASP A 165 -8.32 -2.60 -9.70
N ASP A 166 -8.93 -3.59 -9.03
CA ASP A 166 -8.31 -4.43 -7.97
C ASP A 166 -6.98 -5.00 -8.48
N THR A 167 -6.91 -5.43 -9.75
CA THR A 167 -5.69 -6.08 -10.31
C THR A 167 -4.56 -5.04 -10.40
N GLU A 168 -4.88 -3.86 -10.89
CA GLU A 168 -3.89 -2.76 -11.03
C GLU A 168 -3.42 -2.31 -9.65
N VAL A 169 -4.33 -2.22 -8.69
CA VAL A 169 -3.94 -1.83 -7.31
C VAL A 169 -3.02 -2.90 -6.74
N ALA A 170 -3.33 -4.19 -6.94
CA ALA A 170 -2.59 -5.34 -6.35
C ALA A 170 -1.15 -5.35 -6.91
N LEU A 171 -1.01 -5.09 -8.20
CA LEU A 171 0.31 -5.13 -8.88
C LEU A 171 1.14 -3.93 -8.43
N LEU A 172 0.52 -2.77 -8.35
CA LEU A 172 1.17 -1.58 -7.74
C LEU A 172 1.71 -1.94 -6.36
N GLN A 173 0.92 -2.61 -5.53
CA GLN A 173 1.34 -3.12 -4.18
C GLN A 173 2.50 -4.12 -4.32
N ALA A 174 2.44 -5.09 -5.25
CA ALA A 174 3.53 -6.11 -5.39
C ALA A 174 4.83 -5.39 -5.76
N VAL A 175 4.73 -4.37 -6.59
CA VAL A 175 5.92 -3.60 -7.05
C VAL A 175 6.53 -2.88 -5.86
N LEU A 176 5.73 -2.27 -4.99
CA LEU A 176 6.27 -1.55 -3.82
C LEU A 176 6.85 -2.56 -2.83
N LEU A 177 6.16 -3.67 -2.63
CA LEU A 177 6.66 -4.74 -1.73
C LEU A 177 8.05 -5.24 -2.22
N MET A 178 8.22 -5.59 -3.50
CA MET A 178 9.48 -6.19 -4.04
C MET A 178 10.47 -5.10 -4.44
N SER A 179 10.90 -4.27 -3.48
CA SER A 179 11.86 -3.14 -3.66
C SER A 179 13.25 -3.56 -3.15
N SER A 180 14.26 -3.68 -4.02
CA SER A 180 15.60 -4.26 -3.72
C SER A 180 16.54 -3.25 -3.05
N ASP A 181 16.18 -1.96 -3.04
CA ASP A 181 17.01 -0.86 -2.50
C ASP A 181 16.66 -0.60 -1.02
N ARG A 182 15.89 -1.48 -0.37
CA ARG A 182 15.65 -1.36 1.09
C ARG A 182 16.97 -1.63 1.80
N PRO A 183 17.41 -0.79 2.75
CA PRO A 183 18.68 -1.03 3.45
C PRO A 183 18.65 -2.33 4.26
N GLY A 184 19.73 -3.11 4.17
CA GLY A 184 20.00 -4.32 4.99
C GLY A 184 19.57 -5.61 4.32
N LEU A 185 18.97 -5.55 3.13
CA LEU A 185 18.44 -6.73 2.40
C LEU A 185 19.59 -7.68 2.02
N ALA A 186 19.38 -8.99 2.18
CA ALA A 186 20.30 -10.06 1.74
C ALA A 186 20.07 -10.41 0.26
N CYS A 187 18.95 -11.05 -0.08
CA CYS A 187 18.58 -11.51 -1.45
C CYS A 187 18.14 -10.34 -2.37
N VAL A 188 18.99 -9.33 -2.54
CA VAL A 188 18.72 -8.14 -3.41
C VAL A 188 18.40 -8.57 -4.84
N GLU A 189 19.13 -9.56 -5.36
CA GLU A 189 19.01 -9.99 -6.77
C GLU A 189 17.67 -10.71 -6.93
N ARG A 190 17.34 -11.63 -6.02
CA ARG A 190 16.06 -12.39 -6.09
C ARG A 190 14.87 -11.42 -6.11
N ILE A 191 14.90 -10.42 -5.24
CA ILE A 191 13.77 -9.46 -5.04
C ILE A 191 13.62 -8.65 -6.33
N GLU A 192 14.73 -8.20 -6.91
CA GLU A 192 14.73 -7.40 -8.18
C GLU A 192 14.11 -8.25 -9.30
N LYS A 193 14.42 -9.55 -9.32
CA LYS A 193 13.87 -10.50 -10.31
C LYS A 193 12.34 -10.62 -10.14
N TYR A 194 11.85 -10.79 -8.90
CA TYR A 194 10.40 -10.87 -8.56
C TYR A 194 9.70 -9.58 -9.03
N GLN A 195 10.26 -8.41 -8.69
CA GLN A 195 9.69 -7.10 -9.10
C GLN A 195 9.55 -7.00 -10.62
N ASP A 196 10.56 -7.41 -11.39
CA ASP A 196 10.58 -7.39 -12.88
C ASP A 196 9.46 -8.28 -13.44
N SER A 197 9.21 -9.43 -12.84
CA SER A 197 8.05 -10.27 -13.20
C SER A 197 6.78 -9.44 -13.03
N PHE A 198 6.56 -8.84 -11.86
CA PHE A 198 5.33 -8.05 -11.59
C PHE A 198 5.26 -6.90 -12.59
N LEU A 199 6.36 -6.23 -12.86
CA LEU A 199 6.32 -5.00 -13.70
C LEU A 199 5.94 -5.38 -15.13
N LEU A 200 6.40 -6.52 -15.61
CA LEU A 200 6.10 -6.96 -16.99
C LEU A 200 4.61 -7.35 -17.05
N ALA A 201 4.15 -8.22 -16.14
CA ALA A 201 2.72 -8.58 -15.97
C ALA A 201 1.88 -7.30 -15.93
N PHE A 202 2.27 -6.35 -15.07
CA PHE A 202 1.54 -5.07 -14.87
C PHE A 202 1.45 -4.31 -16.20
N GLU A 203 2.57 -4.10 -16.89
CA GLU A 203 2.58 -3.35 -18.18
C GLU A 203 1.69 -4.10 -19.19
N HIS A 204 1.79 -5.43 -19.27
CA HIS A 204 1.02 -6.23 -20.25
C HIS A 204 -0.48 -6.17 -19.93
N TYR A 205 -0.86 -6.20 -18.66
CA TYR A 205 -2.26 -5.98 -18.21
C TYR A 205 -2.74 -4.58 -18.64
N ILE A 206 -1.92 -3.55 -18.47
CA ILE A 206 -2.22 -2.12 -18.84
C ILE A 206 -2.44 -2.02 -20.36
N ASN A 207 -1.63 -2.72 -21.16
CA ASN A 207 -1.79 -2.81 -22.64
C ASN A 207 -3.14 -3.46 -22.94
N TYR A 208 -3.44 -4.59 -22.32
CA TYR A 208 -4.73 -5.29 -22.48
C TYR A 208 -5.91 -4.37 -22.12
N ARG A 209 -5.76 -3.56 -21.07
CA ARG A 209 -6.87 -2.79 -20.44
C ARG A 209 -7.21 -1.57 -21.30
N LYS A 210 -6.25 -1.07 -22.07
CA LYS A 210 -6.44 0.02 -23.06
C LYS A 210 -7.16 1.21 -22.39
N HIS A 211 -6.59 1.73 -21.31
CA HIS A 211 -7.08 2.95 -20.62
C HIS A 211 -7.09 4.11 -21.62
N HIS A 212 -8.09 4.98 -21.50
CA HIS A 212 -8.26 6.19 -22.35
C HIS A 212 -7.53 7.35 -21.67
N VAL A 213 -6.22 7.16 -21.46
CA VAL A 213 -5.24 8.17 -20.97
C VAL A 213 -3.94 7.95 -21.77
N THR A 214 -3.29 9.03 -22.17
CA THR A 214 -2.03 9.02 -22.96
C THR A 214 -0.87 8.69 -22.02
N HIS A 215 0.13 7.95 -22.51
CA HIS A 215 1.37 7.61 -21.75
C HIS A 215 0.99 7.00 -20.39
N PHE A 216 0.02 6.08 -20.36
CA PHE A 216 -0.57 5.55 -19.10
C PHE A 216 0.54 4.90 -18.25
N TRP A 217 1.37 4.08 -18.87
CA TRP A 217 2.40 3.29 -18.16
C TRP A 217 3.44 4.23 -17.58
N PRO A 218 4.05 5.15 -18.37
CA PRO A 218 4.99 6.13 -17.81
C PRO A 218 4.40 6.89 -16.62
N LYS A 219 3.12 7.29 -16.72
CA LYS A 219 2.37 8.03 -15.68
C LYS A 219 2.14 7.16 -14.44
N LEU A 220 1.84 5.89 -14.62
CA LEU A 220 1.71 4.93 -13.49
C LEU A 220 3.04 4.81 -12.74
N LEU A 221 4.19 4.82 -13.43
CA LEU A 221 5.51 4.65 -12.76
C LEU A 221 5.80 5.90 -11.93
N MET A 222 5.32 7.07 -12.37
CA MET A 222 5.42 8.34 -11.60
C MET A 222 4.63 8.23 -10.29
N LYS A 223 3.47 7.57 -10.31
CA LYS A 223 2.67 7.31 -9.08
C LYS A 223 3.45 6.38 -8.13
N VAL A 224 4.19 5.42 -8.68
CA VAL A 224 5.04 4.54 -7.82
C VAL A 224 6.04 5.42 -7.09
N THR A 225 6.65 6.40 -7.76
CA THR A 225 7.54 7.40 -7.09
C THR A 225 6.79 8.22 -6.04
N ASP A 226 5.56 8.66 -6.31
CA ASP A 226 4.75 9.46 -5.36
C ASP A 226 4.55 8.63 -4.08
N LEU A 227 4.18 7.36 -4.20
CA LEU A 227 4.01 6.48 -3.02
C LEU A 227 5.34 6.28 -2.32
N ARG A 228 6.44 6.21 -3.06
CA ARG A 228 7.80 6.00 -2.46
C ARG A 228 8.15 7.25 -1.65
N MET A 229 7.87 8.44 -2.17
CA MET A 229 8.05 9.72 -1.43
C MET A 229 7.19 9.74 -0.16
N ILE A 230 5.95 9.24 -0.23
CA ILE A 230 5.03 9.18 0.95
C ILE A 230 5.62 8.22 1.99
N GLY A 231 6.21 7.11 1.57
CA GLY A 231 6.80 6.09 2.47
C GLY A 231 7.94 6.63 3.31
N ALA A 232 8.79 7.51 2.74
CA ALA A 232 9.95 8.11 3.43
C ALA A 232 9.56 9.36 4.24
N CYS A 233 8.42 9.97 3.95
CA CYS A 233 7.95 11.15 4.71
C CYS A 233 7.25 10.69 5.97
N HIS A 234 6.44 9.63 5.89
CA HIS A 234 5.91 8.90 7.06
C HIS A 234 7.03 8.62 8.06
N ALA A 235 8.17 8.11 7.58
CA ALA A 235 9.38 7.79 8.38
C ALA A 235 9.95 9.07 9.03
N SER A 236 9.90 10.20 8.34
CA SER A 236 10.38 11.50 8.88
C SER A 236 9.43 11.95 9.99
N ARG A 237 8.14 12.08 9.67
CA ARG A 237 7.05 12.51 10.58
C ARG A 237 7.09 11.61 11.84
N PHE A 238 7.28 10.29 11.68
CA PHE A 238 7.39 9.32 12.80
C PHE A 238 8.44 9.80 13.81
N LEU A 239 9.67 10.05 13.36
CA LEU A 239 10.81 10.46 14.23
C LEU A 239 10.50 11.79 14.92
N HIS A 240 9.70 12.66 14.28
CA HIS A 240 9.26 13.98 14.79
C HIS A 240 8.14 13.82 15.83
N MET A 241 7.22 12.86 15.64
CA MET A 241 6.09 12.59 16.56
C MET A 241 6.63 12.10 17.93
N LYS A 242 7.94 11.84 18.07
CA LYS A 242 8.60 11.38 19.33
C LYS A 242 9.53 12.46 19.89
N CYS A 245 5.97 12.89 22.49
CA CYS A 245 5.18 11.67 22.84
C CYS A 245 6.12 10.51 23.17
N PRO A 246 5.99 9.87 24.36
CA PRO A 246 6.74 8.66 24.67
C PRO A 246 6.30 7.50 23.77
N THR A 247 7.19 6.52 23.59
CA THR A 247 7.08 5.44 22.58
C THR A 247 5.90 4.53 22.93
N GLU A 248 5.62 4.31 24.23
CA GLU A 248 4.55 3.38 24.72
C GLU A 248 3.14 3.89 24.37
N LEU A 249 2.99 5.15 23.93
CA LEU A 249 1.69 5.67 23.40
C LEU A 249 1.45 5.13 21.99
N PHE A 250 2.52 4.89 21.22
CA PHE A 250 2.44 4.30 19.85
C PHE A 250 2.10 2.82 19.97
N PRO A 251 1.13 2.32 19.18
CA PRO A 251 0.85 0.88 19.15
C PRO A 251 2.10 0.08 18.81
N PRO A 252 2.28 -1.10 19.43
CA PRO A 252 3.55 -1.82 19.36
C PRO A 252 3.95 -2.13 17.91
N LEU A 253 3.01 -2.66 17.10
CA LEU A 253 3.25 -3.07 15.69
C LEU A 253 3.62 -1.84 14.86
N PHE A 254 3.06 -0.68 15.16
CA PHE A 254 3.35 0.58 14.43
C PHE A 254 4.83 0.95 14.63
N LEU A 255 5.34 0.78 15.84
CA LEU A 255 6.76 1.09 16.20
C LEU A 255 7.69 0.16 15.41
N GLU A 256 7.32 -1.11 15.26
CA GLU A 256 8.13 -2.13 14.56
C GLU A 256 8.30 -1.71 13.08
N VAL A 257 7.24 -1.23 12.42
CA VAL A 257 7.30 -0.88 10.97
C VAL A 257 7.69 0.60 10.79
N PHE A 258 7.92 1.36 11.87
CA PHE A 258 8.30 2.80 11.89
C PHE A 258 7.42 3.63 10.95
N GLU B 1 15.10 -7.27 17.77
CA GLU B 1 13.71 -6.90 18.19
C GLU B 1 12.74 -7.45 17.14
N ASN B 2 11.74 -6.66 16.74
CA ASN B 2 10.74 -7.01 15.70
C ASN B 2 10.01 -8.31 16.08
N ALA B 3 9.77 -8.51 17.38
CA ALA B 3 9.20 -9.77 17.94
C ALA B 3 7.78 -9.99 17.39
N LEU B 4 6.95 -8.94 17.32
CA LEU B 4 5.51 -9.07 16.93
C LEU B 4 5.47 -9.31 15.42
N LEU B 5 6.24 -8.53 14.64
CA LEU B 5 6.35 -8.73 13.17
C LEU B 5 6.79 -10.16 12.86
N ARG B 6 7.86 -10.61 13.52
CA ARG B 6 8.42 -11.99 13.44
C ARG B 6 7.30 -13.01 13.66
N TYR B 7 6.51 -12.83 14.73
CA TYR B 7 5.39 -13.73 15.12
C TYR B 7 4.36 -13.79 13.99
N LEU B 8 3.88 -12.63 13.55
CA LEU B 8 2.80 -12.51 12.53
C LEU B 8 3.25 -13.15 11.20
N LEU B 9 4.56 -13.12 10.92
CA LEU B 9 5.12 -13.66 9.65
C LEU B 9 5.24 -15.19 9.72
N ASP B 10 5.64 -15.75 10.87
CA ASP B 10 5.96 -17.19 11.03
C ASP B 10 4.72 -18.00 11.39
N LYS B 11 3.61 -17.35 11.75
CA LYS B 11 2.27 -18.00 11.86
C LYS B 11 1.97 -18.74 10.54
#